data_7HHQ
#
_entry.id   7HHQ
#
_cell.length_a   41.770
_cell.length_b   41.910
_cell.length_c   158.060
_cell.angle_alpha   90.00
_cell.angle_beta   90.00
_cell.angle_gamma   90.00
#
_symmetry.space_group_name_H-M   'P 21 21 21'
#
loop_
_entity.id
_entity.type
_entity.pdbx_description
1 polymer 'Hepatoma-derived growth factor-related protein 2'
2 non-polymer 'SULFATE ION'
3 non-polymer 1,2-ETHANEDIOL
4 non-polymer 2-(2,2-dimethylpyrrolidin-1-yl)ethan-1-amine
5 water water
#
_entity_poly.entity_id   1
_entity_poly.type   'polypeptide(L)'
_entity_poly.pdbx_seq_one_letter_code
;GMPHAFKPGDLVFAKMKGYPHWPARIDDIADGAVKPPPNKYPIFFFGTHETAFLGPKDLFPYDKSKDKYGKPNKRKGFNE
GLWEIQNNPHASYS
;
_entity_poly.pdbx_strand_id   A,B,C
#
loop_
_chem_comp.id
_chem_comp.type
_chem_comp.name
_chem_comp.formula
A1A3Y non-polymer 2-(2,2-dimethylpyrrolidin-1-yl)ethan-1-amine 'C8 H18 N2'
EDO non-polymer 1,2-ETHANEDIOL 'C2 H6 O2'
SO4 non-polymer 'SULFATE ION' 'O4 S -2'
#
# COMPACT_ATOMS: atom_id res chain seq x y z
N MET A 2 18.12 13.84 -17.29
CA MET A 2 17.81 14.84 -16.25
C MET A 2 16.47 14.53 -15.58
N PRO A 3 16.31 14.85 -14.28
CA PRO A 3 15.04 14.64 -13.53
C PRO A 3 13.74 15.17 -14.13
N HIS A 4 12.66 14.43 -13.90
CA HIS A 4 11.36 14.92 -14.25
C HIS A 4 10.73 15.41 -12.95
N ALA A 5 9.48 15.86 -13.03
CA ALA A 5 8.71 16.09 -11.83
C ALA A 5 8.35 14.74 -11.19
N PHE A 6 8.01 14.79 -9.90
CA PHE A 6 7.55 13.60 -9.19
C PHE A 6 6.24 13.14 -9.82
N LYS A 7 6.08 11.80 -9.90
CA LYS A 7 4.81 11.25 -10.36
C LYS A 7 4.38 10.07 -9.45
N PRO A 8 3.09 9.66 -9.44
CA PRO A 8 2.67 8.50 -8.67
C PRO A 8 3.50 7.26 -9.01
N GLY A 9 3.87 6.56 -7.95
CA GLY A 9 4.68 5.35 -8.08
C GLY A 9 6.15 5.63 -7.78
N ASP A 10 6.57 6.91 -7.82
CA ASP A 10 7.95 7.19 -7.47
C ASP A 10 8.25 6.83 -6.01
N LEU A 11 9.49 6.35 -5.74
CA LEU A 11 9.88 5.88 -4.43
C LEU A 11 10.83 6.92 -3.86
N VAL A 12 10.62 7.26 -2.60
CA VAL A 12 11.36 8.35 -1.94
C VAL A 12 11.68 8.00 -0.50
N PHE A 13 12.59 8.80 0.13
CA PHE A 13 12.54 8.94 1.56
C PHE A 13 11.87 10.29 1.78
N ALA A 14 10.84 10.32 2.65
CA ALA A 14 10.11 11.56 2.89
C ALA A 14 10.44 12.06 4.29
N LYS A 15 10.60 13.39 4.44
CA LYS A 15 11.04 13.92 5.72
C LYS A 15 9.88 14.68 6.37
N MET A 16 9.59 14.29 7.62
CA MET A 16 8.61 14.97 8.44
C MET A 16 9.36 15.47 9.68
N LYS A 17 9.00 16.66 10.14
CA LYS A 17 9.45 17.22 11.42
C LYS A 17 9.46 16.15 12.50
N GLY A 18 10.61 16.03 13.15
CA GLY A 18 10.75 15.16 14.30
C GLY A 18 10.93 13.68 13.94
N TYR A 19 10.95 13.35 12.64
CA TYR A 19 11.15 11.96 12.25
C TYR A 19 12.33 11.80 11.30
N PRO A 20 13.01 10.63 11.30
CA PRO A 20 14.08 10.37 10.34
C PRO A 20 13.45 10.31 8.93
N HIS A 21 14.26 10.56 7.92
CA HIS A 21 13.87 10.38 6.53
C HIS A 21 13.25 8.98 6.36
N TRP A 22 12.00 8.89 5.83
CA TRP A 22 11.18 7.70 5.99
C TRP A 22 10.88 7.05 4.64
N PRO A 23 11.02 5.71 4.47
CA PRO A 23 10.70 5.12 3.18
C PRO A 23 9.22 5.32 2.81
N ALA A 24 8.99 5.81 1.59
CA ALA A 24 7.62 6.19 1.19
C ALA A 24 7.47 6.16 -0.34
N ARG A 25 6.22 6.37 -0.83
CA ARG A 25 6.01 6.49 -2.25
C ARG A 25 5.04 7.63 -2.53
N ILE A 26 5.12 8.15 -3.76
CA ILE A 26 4.10 9.09 -4.26
C ILE A 26 2.88 8.24 -4.58
N ASP A 27 1.75 8.54 -3.92
CA ASP A 27 0.54 7.74 -4.17
C ASP A 27 -0.27 8.29 -5.34
N ASP A 28 -1.11 7.42 -5.94
CA ASP A 28 -2.18 7.90 -6.81
C ASP A 28 -3.28 8.47 -5.93
N ILE A 29 -4.19 9.24 -6.50
CA ILE A 29 -5.39 9.64 -5.75
C ILE A 29 -6.53 8.81 -6.33
N ALA A 30 -7.27 8.09 -5.47
CA ALA A 30 -8.33 7.22 -5.99
C ALA A 30 -9.48 8.09 -6.47
N ASP A 31 -10.22 7.53 -7.43
CA ASP A 31 -11.46 8.17 -7.85
C ASP A 31 -12.29 8.42 -6.60
N GLY A 32 -12.80 9.65 -6.47
CA GLY A 32 -13.66 10.00 -5.35
C GLY A 32 -12.91 10.42 -4.09
N ALA A 33 -11.57 10.26 -4.09
CA ALA A 33 -10.77 10.52 -2.89
C ALA A 33 -10.40 11.99 -2.76
N VAL A 34 -10.03 12.36 -1.53
CA VAL A 34 -9.67 13.74 -1.24
C VAL A 34 -8.34 14.06 -1.91
N LYS A 35 -8.35 15.16 -2.67
CA LYS A 35 -7.18 15.62 -3.41
C LYS A 35 -6.24 16.37 -2.47
N PRO A 36 -4.91 16.36 -2.72
CA PRO A 36 -3.99 17.09 -1.86
C PRO A 36 -4.18 18.60 -2.08
N PRO A 37 -3.58 19.46 -1.22
CA PRO A 37 -3.43 20.87 -1.57
C PRO A 37 -2.57 21.13 -2.80
N PRO A 38 -2.78 22.27 -3.49
CA PRO A 38 -1.84 22.73 -4.53
C PRO A 38 -0.39 22.60 -4.09
N ASN A 39 0.45 22.17 -5.03
CA ASN A 39 1.89 22.02 -4.89
C ASN A 39 2.28 20.93 -3.89
N LYS A 40 1.31 20.12 -3.42
CA LYS A 40 1.62 18.99 -2.54
C LYS A 40 1.26 17.66 -3.21
N TYR A 41 1.96 16.61 -2.80
CA TYR A 41 1.77 15.25 -3.31
C TYR A 41 1.24 14.38 -2.17
N PRO A 42 0.40 13.36 -2.45
CA PRO A 42 0.02 12.43 -1.40
C PRO A 42 1.16 11.45 -1.15
N ILE A 43 1.71 11.47 0.06
CA ILE A 43 2.81 10.55 0.35
C ILE A 43 2.32 9.37 1.18
N PHE A 44 2.56 8.14 0.70
CA PHE A 44 2.24 6.97 1.51
C PHE A 44 3.50 6.44 2.16
N PHE A 45 3.50 6.39 3.49
CA PHE A 45 4.68 6.03 4.27
C PHE A 45 4.67 4.51 4.44
N PHE A 46 5.73 3.84 3.93
CA PHE A 46 5.81 2.40 4.18
C PHE A 46 5.91 2.08 5.67
N GLY A 47 5.46 0.87 6.05
CA GLY A 47 5.64 0.42 7.42
C GLY A 47 4.46 0.87 8.30
N THR A 48 4.27 2.19 8.46
CA THR A 48 3.18 2.73 9.24
C THR A 48 1.90 2.79 8.39
N HIS A 49 2.06 2.84 7.06
CA HIS A 49 0.96 2.95 6.11
C HIS A 49 0.10 4.19 6.31
N GLU A 50 0.73 5.24 6.85
CA GLU A 50 0.12 6.57 7.00
C GLU A 50 0.20 7.34 5.68
N THR A 51 -0.68 8.34 5.51
CA THR A 51 -0.57 9.26 4.38
C THR A 51 -0.37 10.67 4.92
N ALA A 52 0.53 11.43 4.29
CA ALA A 52 0.60 12.88 4.51
C ALA A 52 0.82 13.61 3.19
N PHE A 53 0.58 14.92 3.19
CA PHE A 53 0.76 15.69 1.98
C PHE A 53 2.05 16.51 2.11
N LEU A 54 2.99 16.27 1.20
CA LEU A 54 4.28 16.94 1.29
C LEU A 54 4.63 17.60 -0.05
N GLY A 55 5.50 18.62 0.03
CA GLY A 55 6.07 19.17 -1.19
C GLY A 55 7.47 18.61 -1.47
N PRO A 56 8.00 18.86 -2.68
CA PRO A 56 9.30 18.34 -3.11
C PRO A 56 10.47 18.60 -2.18
N LYS A 57 10.41 19.70 -1.41
CA LYS A 57 11.52 19.98 -0.50
C LYS A 57 11.75 18.89 0.56
N ASP A 58 10.73 18.07 0.82
CA ASP A 58 10.81 17.03 1.81
C ASP A 58 10.89 15.63 1.17
N LEU A 59 11.11 15.54 -0.15
CA LEU A 59 11.06 14.28 -0.91
C LEU A 59 12.45 14.02 -1.49
N PHE A 60 13.08 12.92 -1.07
CA PHE A 60 14.42 12.54 -1.55
C PHE A 60 14.33 11.25 -2.34
N PRO A 61 14.63 11.25 -3.65
CA PRO A 61 14.51 10.04 -4.47
C PRO A 61 15.25 8.85 -3.86
N TYR A 62 14.58 7.68 -3.80
CA TYR A 62 15.02 6.49 -3.08
C TYR A 62 16.40 6.00 -3.56
N ASP A 63 16.56 5.87 -4.87
CA ASP A 63 17.82 5.34 -5.39
C ASP A 63 19.05 6.16 -5.00
N LYS A 64 18.94 7.49 -5.09
CA LYS A 64 20.03 8.38 -4.74
C LYS A 64 20.35 8.31 -3.25
N SER A 65 19.30 8.15 -2.41
CA SER A 65 19.34 8.41 -0.97
C SER A 65 19.47 7.16 -0.10
N LYS A 66 19.40 5.96 -0.68
CA LYS A 66 19.21 4.77 0.15
C LYS A 66 20.47 4.43 0.97
N ASP A 67 21.65 4.76 0.43
N ASP A 67 21.65 4.72 0.41
CA ASP A 67 22.89 4.48 1.13
CA ASP A 67 22.86 4.48 1.16
C ASP A 67 22.98 5.32 2.41
C ASP A 67 22.81 5.26 2.48
N LYS A 68 22.41 6.54 2.38
CA LYS A 68 22.34 7.42 3.53
C LYS A 68 21.21 7.06 4.49
N TYR A 69 19.99 6.82 4.00
CA TYR A 69 18.85 6.86 4.90
C TYR A 69 18.21 5.47 5.07
N GLY A 70 18.66 4.48 4.30
CA GLY A 70 18.02 3.18 4.26
C GLY A 70 18.74 2.18 5.18
N LYS A 71 18.75 2.50 6.47
CA LYS A 71 19.41 1.72 7.51
C LYS A 71 18.40 1.58 8.63
N PRO A 72 18.41 0.45 9.39
CA PRO A 72 17.45 0.29 10.48
C PRO A 72 17.36 1.44 11.46
N ASN A 73 16.14 1.65 11.96
CA ASN A 73 15.78 2.69 12.90
C ASN A 73 14.92 2.04 13.98
N LYS A 74 14.99 2.59 15.20
CA LYS A 74 14.22 2.10 16.32
C LYS A 74 12.75 2.53 16.19
N ARG A 75 12.47 3.55 15.40
CA ARG A 75 11.10 4.05 15.33
C ARG A 75 10.16 2.99 14.78
N LYS A 76 8.92 3.08 15.26
CA LYS A 76 7.89 2.10 15.05
C LYS A 76 7.53 2.07 13.57
N GLY A 77 7.67 0.88 12.96
CA GLY A 77 7.20 0.74 11.60
C GLY A 77 8.32 0.96 10.58
N PHE A 78 9.46 1.50 11.04
CA PHE A 78 10.52 1.87 10.12
C PHE A 78 11.10 0.67 9.36
N ASN A 79 11.45 -0.40 10.09
CA ASN A 79 12.13 -1.51 9.46
C ASN A 79 11.15 -2.31 8.57
N GLU A 80 9.88 -2.37 9.01
CA GLU A 80 8.86 -2.91 8.11
C GLU A 80 8.81 -2.07 6.83
N GLY A 81 8.90 -0.74 7.01
CA GLY A 81 8.94 0.17 5.86
C GLY A 81 10.11 -0.11 4.91
N LEU A 82 11.31 -0.36 5.46
CA LEU A 82 12.43 -0.68 4.60
C LEU A 82 12.16 -1.96 3.81
N TRP A 83 11.52 -2.95 4.44
CA TRP A 83 11.27 -4.18 3.71
C TRP A 83 10.31 -3.89 2.55
N GLU A 84 9.29 -3.07 2.80
CA GLU A 84 8.27 -2.90 1.78
C GLU A 84 8.85 -2.17 0.57
N ILE A 85 9.63 -1.10 0.80
CA ILE A 85 10.11 -0.28 -0.29
C ILE A 85 11.08 -1.09 -1.18
N GLN A 86 11.87 -2.00 -0.54
CA GLN A 86 12.79 -2.86 -1.28
C GLN A 86 12.12 -4.04 -1.97
N ASN A 87 11.07 -4.60 -1.36
CA ASN A 87 10.55 -5.91 -1.75
C ASN A 87 9.19 -5.86 -2.43
N ASN A 88 8.33 -4.89 -2.12
CA ASN A 88 7.08 -4.82 -2.89
C ASN A 88 6.54 -3.40 -2.73
N PRO A 89 7.23 -2.42 -3.35
CA PRO A 89 6.91 -1.01 -3.16
C PRO A 89 5.63 -0.59 -3.86
N HIS A 90 5.09 -1.41 -4.78
CA HIS A 90 3.90 -0.99 -5.52
C HIS A 90 2.67 -1.82 -5.15
N ALA A 91 2.72 -2.53 -4.03
CA ALA A 91 1.61 -3.36 -3.59
C ALA A 91 0.50 -2.51 -2.97
N SER A 92 -0.71 -3.07 -2.94
CA SER A 92 -1.78 -2.56 -2.10
C SER A 92 -1.51 -2.87 -0.62
N TYR A 93 -1.47 -1.81 0.20
CA TYR A 93 -1.26 -1.92 1.64
C TYR A 93 -2.50 -1.42 2.39
N SER A 94 -3.61 -1.27 1.65
CA SER A 94 -4.92 -1.08 2.23
C SER A 94 -5.13 -2.13 3.34
N MET B 2 -39.86 -2.59 -19.76
CA MET B 2 -41.03 -1.93 -19.14
C MET B 2 -40.57 -0.59 -18.57
N PRO B 3 -41.38 0.50 -18.67
CA PRO B 3 -41.02 1.77 -18.06
C PRO B 3 -40.90 1.64 -16.53
N HIS B 4 -39.87 2.29 -15.94
CA HIS B 4 -39.67 2.26 -14.50
C HIS B 4 -39.77 3.67 -13.93
N ALA B 5 -39.78 3.78 -12.58
CA ALA B 5 -39.86 5.11 -11.97
C ALA B 5 -38.73 5.95 -12.55
N PHE B 6 -37.56 5.33 -12.65
CA PHE B 6 -36.41 5.93 -13.28
C PHE B 6 -36.22 5.37 -14.70
N LYS B 7 -35.95 6.26 -15.66
CA LYS B 7 -35.72 5.82 -17.03
C LYS B 7 -34.30 6.19 -17.48
N PRO B 8 -33.76 5.50 -18.52
CA PRO B 8 -32.45 5.83 -19.07
C PRO B 8 -32.36 7.30 -19.44
N GLY B 9 -31.25 7.92 -19.00
CA GLY B 9 -30.98 9.32 -19.26
C GLY B 9 -31.47 10.23 -18.14
N ASP B 10 -32.23 9.69 -17.16
CA ASP B 10 -32.60 10.45 -15.97
C ASP B 10 -31.31 10.86 -15.24
N LEU B 11 -31.28 12.11 -14.82
CA LEU B 11 -30.12 12.66 -14.14
C LEU B 11 -30.38 12.63 -12.64
N VAL B 12 -29.31 12.32 -11.86
CA VAL B 12 -29.49 12.09 -10.44
C VAL B 12 -28.21 12.53 -9.71
N PHE B 13 -28.34 12.63 -8.39
CA PHE B 13 -27.18 12.40 -7.54
C PHE B 13 -27.31 11.00 -6.96
N ALA B 14 -26.20 10.25 -6.96
CA ALA B 14 -26.20 8.87 -6.53
C ALA B 14 -25.27 8.73 -5.32
N LYS B 15 -25.78 8.09 -4.26
CA LYS B 15 -25.09 8.06 -2.97
C LYS B 15 -24.46 6.69 -2.76
N MET B 16 -23.15 6.70 -2.45
CA MET B 16 -22.48 5.47 -2.04
C MET B 16 -21.71 5.74 -0.74
N LYS B 17 -21.57 4.70 0.06
CA LYS B 17 -20.92 4.84 1.36
C LYS B 17 -19.51 5.39 1.17
N GLY B 18 -19.19 6.43 1.96
CA GLY B 18 -17.86 7.02 1.95
C GLY B 18 -17.69 8.19 0.96
N TYR B 19 -18.75 8.53 0.21
CA TYR B 19 -18.63 9.58 -0.80
C TYR B 19 -19.84 10.49 -0.71
N PRO B 20 -19.70 11.76 -1.11
CA PRO B 20 -20.83 12.69 -1.19
C PRO B 20 -21.77 12.23 -2.29
N HIS B 21 -23.03 12.64 -2.19
CA HIS B 21 -23.99 12.42 -3.27
C HIS B 21 -23.34 12.88 -4.57
N TRP B 22 -23.37 12.02 -5.59
CA TRP B 22 -22.46 12.15 -6.70
C TRP B 22 -23.24 12.35 -8.00
N PRO B 23 -22.90 13.36 -8.83
CA PRO B 23 -23.63 13.59 -10.10
C PRO B 23 -23.55 12.35 -10.98
N ALA B 24 -24.70 11.83 -11.44
CA ALA B 24 -24.72 10.56 -12.13
C ALA B 24 -25.96 10.50 -13.05
N ARG B 25 -26.04 9.44 -13.85
CA ARG B 25 -27.19 9.22 -14.72
C ARG B 25 -27.60 7.75 -14.65
N ILE B 26 -28.87 7.49 -15.00
CA ILE B 26 -29.32 6.13 -15.23
C ILE B 26 -28.92 5.76 -16.66
N ASP B 27 -28.20 4.65 -16.81
CA ASP B 27 -27.85 4.16 -18.13
C ASP B 27 -28.88 3.11 -18.56
N ASP B 28 -28.84 2.75 -19.85
N ASP B 28 -28.87 2.74 -19.85
CA ASP B 28 -29.62 1.65 -20.42
CA ASP B 28 -29.71 1.66 -20.36
C ASP B 28 -28.99 0.32 -19.99
C ASP B 28 -29.02 0.33 -20.09
N ILE B 29 -29.83 -0.72 -19.86
CA ILE B 29 -29.36 -2.05 -19.50
C ILE B 29 -29.07 -2.82 -20.79
N VAL B 34 -24.01 -8.80 -17.76
CA VAL B 34 -24.82 -8.73 -16.52
C VAL B 34 -26.08 -7.92 -16.80
N LYS B 35 -27.15 -8.18 -16.04
CA LYS B 35 -28.28 -7.27 -15.91
C LYS B 35 -28.26 -6.70 -14.49
N PRO B 36 -29.00 -5.62 -14.16
CA PRO B 36 -28.96 -5.07 -12.80
C PRO B 36 -29.61 -6.09 -11.87
N PRO B 37 -29.12 -6.25 -10.62
CA PRO B 37 -29.83 -7.03 -9.61
C PRO B 37 -31.27 -6.50 -9.51
N PRO B 38 -32.21 -7.26 -8.90
CA PRO B 38 -33.60 -6.80 -8.77
C PRO B 38 -33.69 -5.53 -7.93
N ASN B 39 -34.56 -4.60 -8.36
CA ASN B 39 -34.82 -3.35 -7.66
C ASN B 39 -33.79 -2.28 -8.00
N LYS B 40 -32.74 -2.62 -8.76
CA LYS B 40 -31.60 -1.71 -8.89
C LYS B 40 -31.46 -1.20 -10.32
N TYR B 41 -30.68 -0.14 -10.50
CA TYR B 41 -30.46 0.41 -11.83
C TYR B 41 -28.97 0.49 -12.12
N PRO B 42 -28.54 0.44 -13.42
CA PRO B 42 -27.15 0.76 -13.76
C PRO B 42 -26.89 2.26 -13.71
N ILE B 43 -25.89 2.65 -12.91
CA ILE B 43 -25.59 4.06 -12.71
C ILE B 43 -24.25 4.37 -13.36
N PHE B 44 -24.17 5.52 -14.02
CA PHE B 44 -22.92 6.06 -14.52
C PHE B 44 -22.60 7.31 -13.73
N PHE B 45 -21.40 7.33 -13.14
CA PHE B 45 -21.00 8.48 -12.35
C PHE B 45 -20.16 9.42 -13.19
N PHE B 46 -20.60 10.67 -13.31
CA PHE B 46 -19.88 11.65 -14.08
C PHE B 46 -18.54 11.94 -13.38
N GLY B 47 -17.57 12.40 -14.16
CA GLY B 47 -16.30 12.80 -13.58
C GLY B 47 -15.34 11.61 -13.56
N THR B 48 -15.65 10.59 -12.77
CA THR B 48 -14.81 9.42 -12.63
C THR B 48 -15.15 8.42 -13.75
N HIS B 49 -16.38 8.57 -14.28
CA HIS B 49 -16.88 7.70 -15.34
C HIS B 49 -16.98 6.25 -14.86
N GLU B 50 -17.19 6.04 -13.56
CA GLU B 50 -17.41 4.74 -12.96
C GLU B 50 -18.87 4.32 -13.13
N THR B 51 -19.10 3.02 -12.97
CA THR B 51 -20.46 2.49 -12.99
C THR B 51 -20.67 1.65 -11.74
N ALA B 52 -21.92 1.56 -11.27
CA ALA B 52 -22.27 0.62 -10.22
C ALA B 52 -23.78 0.38 -10.27
N PHE B 53 -24.27 -0.56 -9.45
CA PHE B 53 -25.71 -0.77 -9.38
C PHE B 53 -26.24 -0.21 -8.06
N LEU B 54 -27.32 0.61 -8.13
CA LEU B 54 -27.90 1.16 -6.92
C LEU B 54 -29.43 1.09 -6.98
N GLY B 55 -30.05 1.07 -5.78
CA GLY B 55 -31.50 1.09 -5.63
C GLY B 55 -32.01 2.51 -5.39
N PRO B 56 -33.32 2.76 -5.54
CA PRO B 56 -33.85 4.13 -5.45
C PRO B 56 -33.54 4.90 -4.18
N LYS B 57 -33.28 4.20 -3.06
CA LYS B 57 -33.05 4.85 -1.78
C LYS B 57 -31.80 5.74 -1.89
N ASP B 58 -30.92 5.36 -2.81
CA ASP B 58 -29.66 6.06 -3.02
C ASP B 58 -29.63 6.96 -4.26
N LEU B 59 -30.80 7.21 -4.86
CA LEU B 59 -30.86 7.98 -6.09
C LEU B 59 -31.78 9.19 -5.88
N PHE B 60 -31.23 10.37 -6.14
CA PHE B 60 -31.90 11.62 -5.87
C PHE B 60 -32.05 12.38 -7.20
N PRO B 61 -33.29 12.56 -7.73
CA PRO B 61 -33.48 13.36 -8.94
C PRO B 61 -32.72 14.69 -8.96
N TYR B 62 -32.01 14.94 -10.08
CA TYR B 62 -31.03 16.02 -10.15
C TYR B 62 -31.67 17.39 -9.96
N ASP B 63 -32.81 17.59 -10.63
CA ASP B 63 -33.50 18.89 -10.59
C ASP B 63 -33.90 19.24 -9.16
N LYS B 64 -34.51 18.29 -8.45
CA LYS B 64 -34.96 18.53 -7.09
C LYS B 64 -33.78 18.83 -6.15
N SER B 65 -32.63 18.21 -6.40
CA SER B 65 -31.65 18.13 -5.33
C SER B 65 -30.35 18.88 -5.64
N LYS B 66 -30.24 19.55 -6.79
CA LYS B 66 -28.97 20.12 -7.22
C LYS B 66 -28.52 21.27 -6.31
N ASP B 67 -29.45 22.02 -5.74
CA ASP B 67 -29.02 23.13 -4.91
C ASP B 67 -28.44 22.61 -3.58
N LYS B 68 -28.83 21.40 -3.18
CA LYS B 68 -28.30 20.81 -1.97
C LYS B 68 -26.99 20.10 -2.25
N TYR B 69 -26.96 19.29 -3.33
CA TYR B 69 -25.85 18.36 -3.54
C TYR B 69 -24.88 18.85 -4.60
N GLY B 70 -25.23 19.92 -5.32
CA GLY B 70 -24.48 20.29 -6.52
C GLY B 70 -23.32 21.26 -6.30
N LYS B 71 -22.71 21.25 -5.12
CA LYS B 71 -21.66 22.22 -4.83
C LYS B 71 -20.29 21.58 -4.98
N PRO B 72 -19.29 22.35 -5.44
CA PRO B 72 -17.95 21.80 -5.65
C PRO B 72 -17.27 21.36 -4.36
N ASN B 73 -16.39 20.36 -4.45
CA ASN B 73 -15.70 19.86 -3.29
C ASN B 73 -14.31 19.40 -3.76
N LYS B 74 -13.54 18.77 -2.88
CA LYS B 74 -12.16 18.43 -3.21
C LYS B 74 -12.01 16.93 -3.44
N ARG B 75 -13.13 16.26 -3.78
CA ARG B 75 -13.04 14.86 -4.13
C ARG B 75 -12.65 14.71 -5.61
N LYS B 76 -11.68 13.84 -5.91
CA LYS B 76 -11.21 13.70 -7.26
C LYS B 76 -12.37 13.31 -8.18
N GLY B 77 -12.56 14.10 -9.24
CA GLY B 77 -13.56 13.78 -10.27
C GLY B 77 -14.89 14.52 -10.04
N PHE B 78 -15.08 15.09 -8.83
CA PHE B 78 -16.40 15.63 -8.49
C PHE B 78 -16.72 16.87 -9.32
N ASN B 79 -15.77 17.81 -9.38
CA ASN B 79 -16.05 19.06 -10.07
C ASN B 79 -16.17 18.82 -11.58
N GLU B 80 -15.40 17.85 -12.09
CA GLU B 80 -15.55 17.50 -13.49
C GLU B 80 -16.94 16.92 -13.72
N GLY B 81 -17.40 16.09 -12.76
CA GLY B 81 -18.71 15.44 -12.87
C GLY B 81 -19.83 16.47 -12.85
N LEU B 82 -19.62 17.53 -12.06
CA LEU B 82 -20.55 18.65 -12.05
C LEU B 82 -20.61 19.32 -13.41
N TRP B 83 -19.44 19.46 -14.06
CA TRP B 83 -19.38 20.02 -15.40
C TRP B 83 -20.15 19.13 -16.37
N GLU B 84 -19.98 17.79 -16.25
CA GLU B 84 -20.53 16.87 -17.21
C GLU B 84 -22.06 16.85 -17.14
N ILE B 85 -22.60 16.91 -15.91
CA ILE B 85 -24.03 16.70 -15.78
C ILE B 85 -24.77 17.94 -16.29
N GLN B 86 -24.10 19.10 -16.13
CA GLN B 86 -24.62 20.39 -16.57
C GLN B 86 -24.48 20.56 -18.09
N ASN B 87 -23.35 20.12 -18.67
CA ASN B 87 -23.02 20.57 -20.02
C ASN B 87 -23.18 19.48 -21.08
N ASN B 88 -23.03 18.19 -20.71
CA ASN B 88 -23.14 17.12 -21.69
C ASN B 88 -23.53 15.80 -21.02
N PRO B 89 -24.68 15.79 -20.31
CA PRO B 89 -25.07 14.62 -19.51
C PRO B 89 -25.28 13.37 -20.34
N HIS B 90 -25.62 13.52 -21.63
CA HIS B 90 -25.99 12.33 -22.36
C HIS B 90 -24.92 11.86 -23.36
N ALA B 91 -23.69 12.30 -23.16
CA ALA B 91 -22.62 11.96 -24.10
C ALA B 91 -22.06 10.57 -23.83
N SER B 92 -21.34 10.02 -24.80
CA SER B 92 -20.55 8.82 -24.63
C SER B 92 -19.23 9.23 -23.96
N TYR B 93 -18.89 8.54 -22.86
CA TYR B 93 -17.71 8.79 -22.03
C TYR B 93 -16.78 7.58 -22.06
N SER B 94 -17.21 6.53 -22.76
CA SER B 94 -16.41 5.36 -23.13
C SER B 94 -14.95 5.74 -23.44
N HIS C 4 19.10 -32.23 1.75
CA HIS C 4 19.75 -30.90 1.95
C HIS C 4 21.04 -31.10 2.75
N ALA C 5 21.81 -30.02 2.91
CA ALA C 5 22.90 -29.96 3.87
C ALA C 5 23.44 -28.54 3.99
N PHE C 6 23.88 -28.17 5.20
CA PHE C 6 24.23 -26.80 5.51
C PHE C 6 25.70 -26.76 5.86
N LYS C 7 26.34 -25.63 5.53
CA LYS C 7 27.72 -25.37 5.90
C LYS C 7 27.76 -23.97 6.50
N PRO C 8 28.83 -23.59 7.23
CA PRO C 8 28.90 -22.27 7.89
C PRO C 8 28.65 -21.20 6.84
N GLY C 9 27.97 -20.13 7.27
CA GLY C 9 27.75 -18.96 6.43
C GLY C 9 26.40 -18.99 5.73
N ASP C 10 25.87 -20.19 5.47
CA ASP C 10 24.62 -20.40 4.76
C ASP C 10 23.50 -19.59 5.41
N LEU C 11 22.73 -18.91 4.57
CA LEU C 11 21.63 -18.09 5.04
C LEU C 11 20.36 -18.92 5.00
N VAL C 12 19.55 -18.80 6.07
CA VAL C 12 18.43 -19.71 6.28
C VAL C 12 17.29 -18.91 6.92
N PHE C 13 16.10 -19.54 6.90
CA PHE C 13 15.05 -19.30 7.89
C PHE C 13 15.07 -20.44 8.91
N ALA C 14 15.06 -20.05 10.20
CA ALA C 14 15.23 -21.00 11.28
C ALA C 14 13.98 -21.00 12.15
N LYS C 15 13.43 -22.20 12.36
CA LYS C 15 12.12 -22.30 12.99
C LYS C 15 12.26 -22.87 14.40
N MET C 16 11.88 -22.09 15.42
CA MET C 16 11.81 -22.56 16.79
C MET C 16 10.35 -22.52 17.25
N LYS C 17 10.00 -23.41 18.21
CA LYS C 17 8.65 -23.44 18.73
C LYS C 17 8.34 -22.10 19.39
N GLY C 18 7.15 -21.57 19.08
CA GLY C 18 6.68 -20.33 19.69
C GLY C 18 7.10 -19.09 18.89
N TYR C 19 7.77 -19.28 17.73
CA TYR C 19 8.28 -18.16 16.95
C TYR C 19 8.07 -18.39 15.45
N PRO C 20 7.92 -17.33 14.65
CA PRO C 20 7.78 -17.50 13.20
C PRO C 20 9.14 -17.96 12.64
N HIS C 21 9.10 -18.47 11.41
CA HIS C 21 10.34 -18.79 10.70
C HIS C 21 11.21 -17.53 10.64
N TRP C 22 12.45 -17.64 11.13
CA TRP C 22 13.23 -16.45 11.48
C TRP C 22 14.49 -16.31 10.61
N PRO C 23 14.82 -15.11 10.09
CA PRO C 23 16.03 -14.95 9.26
C PRO C 23 17.29 -15.16 10.11
N ALA C 24 18.21 -15.97 9.60
CA ALA C 24 19.34 -16.45 10.40
C ALA C 24 20.45 -16.96 9.48
N ARG C 25 21.58 -17.33 10.11
CA ARG C 25 22.63 -17.99 9.35
C ARG C 25 23.25 -19.09 10.22
N ILE C 26 23.87 -20.05 9.53
CA ILE C 26 24.69 -21.10 10.14
C ILE C 26 26.00 -20.46 10.55
N ASP C 27 26.34 -20.61 11.84
CA ASP C 27 27.56 -20.08 12.42
C ASP C 27 28.74 -21.03 12.16
N ASP C 28 29.86 -20.75 12.83
CA ASP C 28 30.96 -21.67 13.05
C ASP C 28 30.91 -22.12 14.52
N ILE C 29 31.54 -23.26 14.84
CA ILE C 29 31.69 -23.69 16.21
C ILE C 29 33.09 -23.27 16.70
N ALA C 33 35.13 -24.69 22.44
CA ALA C 33 33.74 -24.24 22.69
C ALA C 33 32.85 -25.45 22.99
N VAL C 34 31.57 -25.19 23.28
CA VAL C 34 30.60 -26.25 23.55
C VAL C 34 30.08 -26.76 22.21
N LYS C 35 30.21 -28.08 22.00
CA LYS C 35 29.80 -28.70 20.75
C LYS C 35 28.27 -28.74 20.73
N PRO C 36 27.63 -28.63 19.54
CA PRO C 36 26.18 -28.77 19.45
C PRO C 36 25.78 -30.11 20.06
N PRO C 37 24.53 -30.29 20.55
CA PRO C 37 24.00 -31.64 20.76
C PRO C 37 24.13 -32.35 19.42
N PRO C 38 24.04 -33.70 19.39
CA PRO C 38 24.18 -34.45 18.13
C PRO C 38 23.21 -33.96 17.05
N ASN C 39 23.78 -33.72 15.86
CA ASN C 39 23.09 -33.39 14.63
C ASN C 39 22.49 -32.00 14.72
N LYS C 40 23.05 -31.11 15.55
CA LYS C 40 22.50 -29.76 15.63
C LYS C 40 23.51 -28.75 15.11
N TYR C 41 23.00 -27.68 14.52
CA TYR C 41 23.84 -26.59 14.00
C TYR C 41 23.77 -25.38 14.93
N PRO C 42 24.86 -24.58 15.05
CA PRO C 42 24.78 -23.29 15.75
C PRO C 42 24.20 -22.32 14.76
N ILE C 43 23.15 -21.63 15.22
CA ILE C 43 22.41 -20.67 14.41
C ILE C 43 22.58 -19.31 15.06
N PHE C 44 22.79 -18.29 14.22
CA PHE C 44 22.74 -16.92 14.69
C PHE C 44 21.49 -16.28 14.07
N PHE C 45 20.66 -15.66 14.91
CA PHE C 45 19.41 -15.07 14.44
C PHE C 45 19.67 -13.61 14.11
N PHE C 46 19.27 -13.19 12.90
CA PHE C 46 19.33 -11.77 12.55
C PHE C 46 18.31 -10.99 13.40
N GLY C 47 18.61 -9.69 13.61
CA GLY C 47 17.72 -8.81 14.32
C GLY C 47 17.97 -8.84 15.82
N THR C 48 17.67 -9.99 16.45
CA THR C 48 17.88 -10.14 17.88
C THR C 48 19.37 -10.43 18.14
N HIS C 49 20.06 -11.03 17.15
CA HIS C 49 21.45 -11.44 17.24
C HIS C 49 21.67 -12.46 18.36
N GLU C 50 20.63 -13.25 18.65
CA GLU C 50 20.73 -14.37 19.59
C GLU C 50 21.30 -15.59 18.89
N THR C 51 21.64 -16.64 19.68
CA THR C 51 22.17 -17.87 19.11
C THR C 51 21.39 -19.05 19.71
N ALA C 52 21.32 -20.17 18.97
CA ALA C 52 20.73 -21.40 19.47
C ALA C 52 21.29 -22.56 18.66
N PHE C 53 21.02 -23.79 19.09
CA PHE C 53 21.33 -24.97 18.29
C PHE C 53 20.04 -25.52 17.73
N LEU C 54 20.03 -25.79 16.41
CA LEU C 54 18.86 -26.37 15.81
C LEU C 54 19.24 -27.48 14.85
N GLY C 55 18.28 -28.40 14.66
CA GLY C 55 18.40 -29.51 13.73
C GLY C 55 17.96 -29.10 12.34
N PRO C 56 18.36 -29.90 11.30
CA PRO C 56 18.12 -29.54 9.91
C PRO C 56 16.63 -29.55 9.56
N LYS C 57 15.83 -30.20 10.40
CA LYS C 57 14.38 -30.20 10.27
C LYS C 57 13.88 -28.76 10.33
N ASP C 58 14.69 -27.89 10.95
CA ASP C 58 14.10 -26.63 11.41
C ASP C 58 14.66 -25.48 10.58
N LEU C 59 15.37 -25.84 9.50
CA LEU C 59 16.20 -24.93 8.74
C LEU C 59 15.76 -24.97 7.28
N PHE C 60 15.69 -23.78 6.66
CA PHE C 60 15.22 -23.58 5.30
C PHE C 60 16.19 -22.64 4.58
N PRO C 61 16.79 -23.03 3.42
CA PRO C 61 17.77 -22.16 2.76
C PRO C 61 17.03 -20.90 2.34
N TYR C 62 17.72 -19.77 2.53
CA TYR C 62 17.17 -18.42 2.42
C TYR C 62 16.64 -18.14 1.01
N ASP C 63 17.44 -18.44 -0.01
CA ASP C 63 17.02 -18.13 -1.38
C ASP C 63 15.78 -18.93 -1.77
N LYS C 64 15.75 -20.22 -1.38
CA LYS C 64 14.67 -21.11 -1.75
C LYS C 64 13.37 -20.75 -1.03
N SER C 65 13.44 -20.13 0.17
CA SER C 65 12.25 -20.07 1.00
C SER C 65 11.81 -18.62 1.29
N LYS C 66 12.61 -17.64 0.87
CA LYS C 66 12.35 -16.25 1.23
C LYS C 66 10.99 -15.81 0.70
N ASP C 67 10.54 -16.36 -0.44
CA ASP C 67 9.25 -15.99 -1.01
C ASP C 67 8.15 -16.31 0.00
N LYS C 68 8.34 -17.38 0.77
CA LYS C 68 7.35 -17.82 1.75
C LYS C 68 7.54 -17.15 3.12
N TYR C 69 8.79 -17.10 3.64
CA TYR C 69 8.97 -16.68 5.03
C TYR C 69 9.51 -15.25 5.12
N GLY C 70 9.99 -14.70 3.99
CA GLY C 70 10.63 -13.40 4.00
C GLY C 70 9.56 -12.31 3.87
N LYS C 71 8.86 -12.08 4.95
CA LYS C 71 7.77 -11.10 4.96
C LYS C 71 7.68 -10.56 6.38
N PRO C 72 7.32 -9.27 6.54
CA PRO C 72 7.39 -8.68 7.87
C PRO C 72 6.45 -9.29 8.88
N ASN C 73 6.78 -9.06 10.14
CA ASN C 73 5.82 -9.31 11.22
C ASN C 73 6.22 -8.45 12.41
N LYS C 74 5.42 -8.55 13.47
CA LYS C 74 5.57 -7.57 14.54
C LYS C 74 6.40 -8.12 15.70
N ARG C 75 7.00 -9.30 15.54
CA ARG C 75 7.79 -9.83 16.63
C ARG C 75 9.09 -9.05 16.77
N LYS C 76 9.59 -8.97 18.02
CA LYS C 76 10.72 -8.12 18.37
C LYS C 76 11.96 -8.52 17.57
N GLY C 77 12.51 -7.55 16.82
CA GLY C 77 13.77 -7.82 16.17
C GLY C 77 13.56 -8.36 14.76
N PHE C 78 12.31 -8.71 14.41
CA PHE C 78 12.16 -9.49 13.19
C PHE C 78 12.50 -8.66 11.95
N ASN C 79 11.90 -7.46 11.87
CA ASN C 79 12.04 -6.69 10.64
C ASN C 79 13.48 -6.20 10.48
N GLU C 80 14.15 -5.87 11.58
CA GLU C 80 15.58 -5.54 11.49
C GLU C 80 16.31 -6.76 10.98
N GLY C 81 15.87 -7.95 11.44
CA GLY C 81 16.44 -9.21 10.96
C GLY C 81 16.35 -9.35 9.45
N LEU C 82 15.17 -9.04 8.88
CA LEU C 82 14.96 -9.16 7.45
C LEU C 82 15.89 -8.18 6.71
N TRP C 83 16.11 -7.00 7.28
CA TRP C 83 17.00 -6.02 6.66
C TRP C 83 18.43 -6.57 6.60
N GLU C 84 18.86 -7.15 7.72
CA GLU C 84 20.22 -7.68 7.86
C GLU C 84 20.50 -8.82 6.88
N ILE C 85 19.55 -9.74 6.71
CA ILE C 85 19.76 -10.94 5.91
C ILE C 85 19.87 -10.62 4.41
N GLN C 86 19.12 -9.60 3.97
CA GLN C 86 19.13 -9.09 2.59
C GLN C 86 20.28 -8.12 2.36
N ASN C 87 20.61 -7.30 3.35
CA ASN C 87 21.46 -6.13 3.10
C ASN C 87 22.86 -6.31 3.69
N ASN C 88 23.01 -7.16 4.72
CA ASN C 88 24.29 -7.24 5.42
C ASN C 88 24.45 -8.63 6.04
N PRO C 89 24.37 -9.73 5.27
CA PRO C 89 24.22 -11.06 5.87
C PRO C 89 25.46 -11.59 6.59
N HIS C 90 26.62 -10.97 6.30
CA HIS C 90 27.87 -11.53 6.79
C HIS C 90 28.64 -10.53 7.65
N ALA C 91 27.94 -9.56 8.26
CA ALA C 91 28.55 -8.75 9.29
C ALA C 91 28.80 -9.58 10.56
N SER C 92 29.23 -8.92 11.65
CA SER C 92 29.74 -9.62 12.82
C SER C 92 28.86 -9.41 14.06
N TYR C 93 28.14 -8.29 14.09
CA TYR C 93 27.18 -7.99 15.15
C TYR C 93 27.76 -8.41 16.50
S SO4 D . 8.23 5.55 18.19
O1 SO4 D . 6.87 5.72 18.62
O2 SO4 D . 8.33 5.74 16.77
O3 SO4 D . 9.08 6.51 18.86
O4 SO4 D . 8.66 4.21 18.53
S SO4 E . 13.94 17.15 13.16
O1 SO4 E . 12.56 17.52 12.99
O2 SO4 E . 14.77 18.11 12.47
O3 SO4 E . 14.28 17.16 14.56
O4 SO4 E . 14.18 15.84 12.61
C1 EDO F . -2.04 1.71 0.11
O1 EDO F . -2.10 0.80 -0.98
C2 EDO F . -2.36 3.12 -0.26
O2 EDO F . -1.65 3.65 -1.36
N1 A1A3Y G . 3.51 7.68 13.47
C4 A1A3Y G . 3.70 10.89 9.53
C5 A1A3Y G . 3.54 10.26 10.89
C6 A1A3Y G . 5.16 9.04 12.27
C7 A1A3Y G . 4.14 8.98 13.39
N A1A3Y G . 4.56 9.20 10.94
C1 A1A3Y G . 5.49 9.23 9.76
C2 A1A3Y G . 5.91 7.83 9.30
C A1A3Y G . 6.77 10.02 10.03
C3 A1A3Y G . 4.56 9.91 8.74
S SO4 H . 9.46 -2.20 12.68
O1 SO4 H . 8.77 -1.99 11.47
O2 SO4 H . 8.54 -1.91 13.78
O3 SO4 H . 9.93 -3.56 12.76
O4 SO4 H . 10.59 -1.29 12.78
S SO4 I . -11.68 17.33 -10.90
O1 SO4 I . -12.99 16.81 -11.26
O2 SO4 I . -11.83 18.62 -10.29
O3 SO4 I . -10.95 16.47 -9.96
O4 SO4 I . -10.95 17.43 -12.14
S SO4 J . -21.02 8.46 4.52
O1 SO4 J . -20.97 7.21 3.80
O2 SO4 J . -22.13 8.40 5.44
O3 SO4 J . -19.79 8.65 5.24
O4 SO4 J . -21.23 9.56 3.59
N1 A1A3Y K . -13.92 4.54 -5.94
C4 A1A3Y K . -16.78 8.49 -6.83
C5 A1A3Y K . -15.94 7.39 -6.24
C6 A1A3Y K . -16.33 5.01 -5.79
C7 A1A3Y K . -15.23 4.05 -6.24
N A1A3Y K . -16.59 6.15 -6.69
C1 A1A3Y K . -18.04 6.44 -6.84
C2 A1A3Y K . -18.76 5.39 -7.67
C A1A3Y K . -18.76 6.59 -5.50
C3 A1A3Y K . -17.91 7.77 -7.57
S SO4 L . 4.28 -24.42 15.46
O1 SO4 L . 3.28 -25.06 14.65
O2 SO4 L . 4.66 -23.16 14.87
O3 SO4 L . 3.75 -24.18 16.77
O4 SO4 L . 5.43 -25.28 15.54
N1 A1A3Y M . 14.29 -13.52 22.07
C4 A1A3Y M . 14.28 -14.67 17.67
C5 A1A3Y M . 13.55 -14.61 19.00
C6 A1A3Y M . 13.84 -15.81 21.18
C7 A1A3Y M . 13.33 -14.62 21.97
N A1A3Y M . 14.38 -15.48 19.85
C1 A1A3Y M . 14.87 -16.59 18.97
C2 A1A3Y M . 15.97 -17.46 19.61
C A1A3Y M . 13.77 -17.50 18.39
C3 A1A3Y M . 15.42 -15.59 17.93
#